data_3KFH
#
_entry.id   3KFH
#
_cell.length_a   47.781
_cell.length_b   54.121
_cell.length_c   61.397
_cell.angle_alpha   90.000
_cell.angle_beta   90.000
_cell.angle_gamma   90.000
#
_symmetry.space_group_name_H-M   'P 21 21 21'
#
loop_
_entity.id
_entity.type
_entity.pdbx_description
1 polymer 'Major urinary protein 4'
2 non-polymer 'CHLORIDE ION'
3 non-polymer (2S)-2-ethylhexan-1-ol
4 water water
#
_entity_poly.entity_id   1
_entity_poly.type   'polypeptide(L)'
_entity_poly.pdbx_seq_one_letter_code
;EEATSKGQNLNVEKINGEWFSILLASDKREKIEEHGSMRVFVEHIHVLENSLAFKFHTVIDGECSEIFLVADKTEKAGEY
SVMYDGFNTFTILKTDYDNYIMFHLINEKDGKTFQLMELYGRKADLNSDIKEKFVKLCEEHGIIKENIIDLTKTNRCLKA
RE
;
_entity_poly.pdbx_strand_id   A
#
# COMPACT_ATOMS: atom_id res chain seq x y z
N LEU A 10 4.46 -4.04 -17.51
CA LEU A 10 4.07 -4.84 -16.37
C LEU A 10 3.39 -6.14 -16.78
N ASN A 11 3.92 -7.23 -16.24
CA ASN A 11 3.30 -8.53 -16.34
C ASN A 11 2.61 -8.79 -14.99
N VAL A 12 1.34 -8.41 -14.86
CA VAL A 12 0.73 -8.34 -13.52
C VAL A 12 0.68 -9.69 -12.87
N GLU A 13 0.58 -10.81 -13.61
CA GLU A 13 0.55 -12.12 -13.00
C GLU A 13 1.76 -12.35 -12.10
N LYS A 14 2.91 -11.73 -12.44
CA LYS A 14 4.11 -11.99 -11.68
C LYS A 14 4.16 -11.29 -10.32
N ILE A 15 3.16 -10.42 -10.02
CA ILE A 15 3.10 -9.85 -8.69
C ILE A 15 2.34 -10.72 -7.71
N ASN A 16 1.80 -11.85 -8.15
CA ASN A 16 1.05 -12.75 -7.28
C ASN A 16 1.89 -13.19 -6.13
N GLY A 17 1.23 -13.42 -5.00
CA GLY A 17 1.78 -14.13 -3.87
C GLY A 17 1.96 -13.27 -2.64
N GLU A 18 2.89 -13.68 -1.81
CA GLU A 18 3.08 -13.09 -0.50
C GLU A 18 3.98 -11.86 -0.59
N TRP A 19 3.59 -10.83 0.19
CA TRP A 19 4.29 -9.55 0.27
C TRP A 19 4.25 -9.10 1.73
N PHE A 20 5.11 -8.14 2.04
CA PHE A 20 5.23 -7.45 3.34
C PHE A 20 5.15 -5.97 3.10
N SER A 21 4.49 -5.23 3.97
CA SER A 21 4.49 -3.79 3.92
C SER A 21 5.75 -3.24 4.54
N ILE A 22 6.46 -2.39 3.82
CA ILE A 22 7.77 -1.86 4.24
C ILE A 22 7.68 -0.36 4.54
N LEU A 23 7.37 0.46 3.52
CA LEU A 23 7.24 1.92 3.71
C LEU A 23 5.82 2.29 3.31
N LEU A 24 5.25 3.26 4.01
CA LEU A 24 3.91 3.77 3.80
C LEU A 24 3.99 5.27 3.81
N ALA A 25 3.41 5.94 2.83
CA ALA A 25 3.54 7.39 2.67
C ALA A 25 2.24 8.01 2.23
N SER A 26 2.02 9.24 2.62
CA SER A 26 0.79 9.94 2.21
C SER A 26 1.00 11.44 2.29
N ASP A 27 0.32 12.17 1.45
CA ASP A 27 0.22 13.63 1.59
C ASP A 27 -0.88 14.01 2.60
N LYS A 28 -1.53 13.11 3.27
CA LYS A 28 -2.44 13.38 4.37
C LYS A 28 -2.03 12.43 5.49
N ARG A 29 -1.08 12.88 6.31
CA ARG A 29 -0.36 11.96 7.18
C ARG A 29 -1.25 11.24 8.18
N GLU A 30 -2.32 11.87 8.65
CA GLU A 30 -3.16 11.18 9.64
C GLU A 30 -3.67 9.86 9.12
N LYS A 31 -3.84 9.70 7.83
CA LYS A 31 -4.41 8.47 7.30
C LYS A 31 -3.52 7.27 7.48
N ILE A 32 -2.22 7.50 7.69
CA ILE A 32 -1.25 6.41 7.82
C ILE A 32 -0.62 6.36 9.18
N GLU A 33 -1.02 7.21 10.11
CA GLU A 33 -0.60 7.14 11.49
C GLU A 33 -1.28 5.96 12.15
N GLU A 34 -0.88 5.74 13.38
N GLU A 34 -1.04 5.67 13.44
CA GLU A 34 -1.09 4.49 14.04
CA GLU A 34 -1.81 4.72 14.21
C GLU A 34 -2.56 4.09 14.04
C GLU A 34 -3.27 5.14 14.23
N HIS A 35 -3.48 5.03 14.08
N HIS A 35 -4.16 4.18 14.11
CA HIS A 35 -4.91 4.77 14.13
CA HIS A 35 -5.58 4.40 14.00
C HIS A 35 -5.66 5.16 12.87
C HIS A 35 -5.91 5.07 12.67
N GLY A 36 -4.94 5.40 11.79
CA GLY A 36 -5.47 5.83 10.50
C GLY A 36 -6.00 4.67 9.71
N SER A 37 -7.00 4.94 8.86
CA SER A 37 -7.65 3.89 8.13
C SER A 37 -6.72 3.19 7.13
N MET A 38 -5.68 3.88 6.69
CA MET A 38 -4.83 3.33 5.65
C MET A 38 -3.61 2.63 6.20
N ARG A 39 -3.53 2.56 7.53
CA ARG A 39 -2.45 1.84 8.20
C ARG A 39 -2.74 0.34 8.23
N VAL A 40 -2.43 -0.32 7.13
CA VAL A 40 -2.68 -1.76 6.94
C VAL A 40 -1.42 -2.36 6.40
N PHE A 41 -1.32 -3.67 6.59
CA PHE A 41 -0.08 -4.43 6.36
C PHE A 41 -0.37 -5.58 5.45
N VAL A 42 0.13 -5.53 4.22
CA VAL A 42 -0.24 -6.57 3.23
C VAL A 42 0.33 -7.91 3.66
N GLU A 43 -0.44 -8.94 3.29
CA GLU A 43 0.05 -10.31 3.40
C GLU A 43 0.10 -10.98 2.02
N HIS A 44 -0.94 -10.83 1.19
CA HIS A 44 -0.84 -11.42 -0.17
C HIS A 44 -1.58 -10.56 -1.13
N ILE A 45 -1.22 -10.75 -2.40
CA ILE A 45 -1.91 -10.21 -3.57
C ILE A 45 -2.18 -11.40 -4.49
N HIS A 46 -3.43 -11.67 -4.79
CA HIS A 46 -3.78 -12.70 -5.76
C HIS A 46 -4.25 -12.03 -7.03
N VAL A 47 -3.72 -12.42 -8.14
CA VAL A 47 -4.05 -11.88 -9.44
C VAL A 47 -5.16 -12.70 -10.06
N LEU A 48 -6.24 -12.05 -10.37
CA LEU A 48 -7.37 -12.66 -11.06
C LEU A 48 -7.53 -12.03 -12.41
N GLU A 49 -8.45 -12.55 -13.23
CA GLU A 49 -8.54 -12.06 -14.58
C GLU A 49 -8.88 -10.58 -14.63
N ASN A 50 -9.75 -10.11 -13.71
CA ASN A 50 -10.27 -8.74 -13.77
C ASN A 50 -9.95 -7.99 -12.50
N SER A 51 -9.12 -8.48 -11.62
CA SER A 51 -8.96 -7.87 -10.35
C SER A 51 -7.69 -8.28 -9.68
N LEU A 52 -7.42 -7.64 -8.56
CA LEU A 52 -6.37 -8.00 -7.61
C LEU A 52 -7.05 -8.19 -6.25
N ALA A 53 -6.84 -9.32 -5.62
CA ALA A 53 -7.42 -9.63 -4.31
C ALA A 53 -6.33 -9.57 -3.26
N PHE A 54 -6.50 -8.69 -2.27
CA PHE A 54 -5.55 -8.43 -1.25
C PHE A 54 -6.04 -8.96 0.11
N LYS A 55 -5.11 -9.47 0.88
CA LYS A 55 -5.28 -9.69 2.31
C LYS A 55 -4.32 -8.77 3.05
N PHE A 56 -4.82 -8.09 4.06
CA PHE A 56 -4.07 -7.26 4.94
C PHE A 56 -4.36 -7.64 6.41
N HIS A 57 -3.43 -7.24 7.26
CA HIS A 57 -3.71 -7.11 8.70
C HIS A 57 -3.75 -5.64 9.04
N THR A 58 -4.34 -5.37 10.20
CA THR A 58 -4.34 -4.00 10.75
C THR A 58 -4.47 -4.12 12.27
N VAL A 59 -4.08 -3.05 12.97
CA VAL A 59 -4.20 -3.05 14.44
C VAL A 59 -5.44 -2.26 14.77
N ILE A 60 -6.32 -2.81 15.57
CA ILE A 60 -7.48 -2.13 16.06
C ILE A 60 -7.46 -2.23 17.57
N ASP A 61 -7.28 -1.05 18.20
CA ASP A 61 -7.21 -0.98 19.65
C ASP A 61 -6.18 -1.95 20.22
N GLY A 62 -5.04 -2.02 19.52
CA GLY A 62 -3.90 -2.79 20.02
C GLY A 62 -3.89 -4.24 19.57
N GLU A 63 -4.96 -4.71 18.92
CA GLU A 63 -5.14 -6.11 18.56
C GLU A 63 -5.08 -6.22 17.02
N CYS A 64 -4.41 -7.27 16.58
CA CYS A 64 -4.40 -7.52 15.13
C CYS A 64 -5.68 -8.09 14.60
N SER A 65 -6.04 -7.72 13.37
CA SER A 65 -7.27 -8.08 12.69
C SER A 65 -7.01 -8.19 11.20
N GLU A 66 -7.84 -8.83 10.44
CA GLU A 66 -7.69 -9.02 9.00
C GLU A 66 -8.64 -8.13 8.21
N ILE A 67 -8.21 -7.70 7.04
CA ILE A 67 -8.99 -6.94 6.08
C ILE A 67 -8.77 -7.58 4.71
N PHE A 68 -9.81 -7.86 3.98
CA PHE A 68 -9.73 -8.39 2.64
C PHE A 68 -10.37 -7.40 1.68
N LEU A 69 -9.69 -7.09 0.59
CA LEU A 69 -10.22 -6.18 -0.42
C LEU A 69 -9.99 -6.77 -1.81
N VAL A 70 -10.88 -6.51 -2.68
CA VAL A 70 -10.72 -6.88 -4.10
C VAL A 70 -10.83 -5.59 -4.90
N ALA A 71 -9.82 -5.34 -5.72
CA ALA A 71 -9.78 -4.16 -6.58
C ALA A 71 -9.99 -4.54 -8.00
N ASP A 72 -10.91 -3.93 -8.68
CA ASP A 72 -11.29 -4.28 -10.03
C ASP A 72 -10.53 -3.46 -11.03
N LYS A 73 -10.21 -4.02 -12.19
CA LYS A 73 -9.70 -3.22 -13.30
C LYS A 73 -10.69 -2.15 -13.65
N THR A 74 -10.24 -0.94 -13.91
CA THR A 74 -11.09 0.12 -14.43
C THR A 74 -10.96 0.18 -15.94
N GLU A 75 -11.53 1.21 -16.60
CA GLU A 75 -11.40 1.39 -18.04
C GLU A 75 -10.05 1.96 -18.46
N LYS A 76 -9.22 2.36 -17.49
CA LYS A 76 -7.86 2.85 -17.81
C LYS A 76 -6.86 1.72 -17.57
N ALA A 77 -6.13 1.37 -18.62
CA ALA A 77 -5.16 0.28 -18.49
C ALA A 77 -4.22 0.49 -17.33
N GLY A 78 -4.01 -0.54 -16.55
CA GLY A 78 -3.14 -0.47 -15.41
C GLY A 78 -3.73 0.03 -14.12
N GLU A 79 -4.91 0.60 -14.19
CA GLU A 79 -5.54 1.17 -13.02
C GLU A 79 -6.59 0.25 -12.42
N TYR A 80 -6.65 0.20 -11.13
CA TYR A 80 -7.60 -0.59 -10.39
C TYR A 80 -8.39 0.32 -9.45
N SER A 81 -9.59 -0.09 -9.07
CA SER A 81 -10.39 0.66 -8.12
C SER A 81 -10.99 -0.21 -7.06
N VAL A 82 -11.15 0.36 -5.86
CA VAL A 82 -11.72 -0.35 -4.74
C VAL A 82 -12.34 0.65 -3.78
N MET A 83 -13.45 0.28 -3.19
CA MET A 83 -14.09 1.04 -2.15
C MET A 83 -13.53 0.65 -0.79
N TYR A 84 -12.98 1.63 -0.07
CA TYR A 84 -12.42 1.46 1.25
C TYR A 84 -12.19 2.86 1.78
N ASP A 85 -12.95 3.24 2.80
CA ASP A 85 -12.85 4.63 3.33
C ASP A 85 -12.95 5.61 2.20
N GLY A 86 -13.96 5.45 1.34
CA GLY A 86 -14.11 6.23 0.14
C GLY A 86 -13.74 5.43 -1.08
N PHE A 87 -13.53 6.15 -2.18
CA PHE A 87 -13.30 5.52 -3.47
C PHE A 87 -11.83 5.66 -3.80
N ASN A 88 -11.15 4.57 -4.09
CA ASN A 88 -9.74 4.52 -4.33
C ASN A 88 -9.42 4.04 -5.75
N THR A 89 -8.45 4.67 -6.39
CA THR A 89 -7.87 4.16 -7.64
C THR A 89 -6.40 4.00 -7.42
N PHE A 90 -5.78 3.00 -8.00
CA PHE A 90 -4.36 2.86 -7.85
C PHE A 90 -3.71 2.25 -9.08
N THR A 91 -2.42 2.46 -9.16
CA THR A 91 -1.56 1.91 -10.20
C THR A 91 -0.30 1.36 -9.55
N ILE A 92 0.43 0.54 -10.30
CA ILE A 92 1.73 0.05 -9.97
C ILE A 92 2.76 0.94 -10.62
N LEU A 93 3.62 1.57 -9.84
CA LEU A 93 4.63 2.43 -10.38
C LEU A 93 5.82 1.67 -10.90
N LYS A 94 6.35 0.76 -10.09
CA LYS A 94 7.60 0.03 -10.33
C LYS A 94 7.61 -1.31 -9.63
N THR A 95 8.19 -2.32 -10.23
CA THR A 95 8.40 -3.58 -9.56
C THR A 95 9.49 -4.36 -10.28
N ASP A 96 10.20 -5.19 -9.54
CA ASP A 96 11.00 -6.25 -10.14
C ASP A 96 10.39 -7.66 -9.92
N TYR A 97 9.19 -7.73 -9.39
CA TYR A 97 8.41 -8.95 -9.12
C TYR A 97 8.94 -9.74 -7.96
N ASP A 98 10.22 -10.00 -7.87
CA ASP A 98 10.71 -10.91 -6.86
C ASP A 98 11.37 -10.22 -5.67
N ASN A 99 11.35 -8.89 -5.58
CA ASN A 99 11.83 -8.22 -4.38
C ASN A 99 10.95 -7.07 -3.94
N TYR A 100 10.64 -6.14 -4.84
CA TYR A 100 9.89 -4.95 -4.41
C TYR A 100 8.74 -4.65 -5.39
N ILE A 101 7.75 -3.92 -4.88
CA ILE A 101 6.73 -3.33 -5.68
C ILE A 101 6.34 -1.99 -5.03
N MET A 102 6.05 -0.99 -5.86
CA MET A 102 5.61 0.32 -5.43
C MET A 102 4.26 0.64 -6.02
N PHE A 103 3.32 0.99 -5.17
CA PHE A 103 1.95 1.35 -5.54
C PHE A 103 1.73 2.88 -5.33
N HIS A 104 0.91 3.45 -6.17
CA HIS A 104 0.41 4.81 -6.03
C HIS A 104 -1.10 4.78 -6.03
N LEU A 105 -1.73 5.33 -5.01
CA LEU A 105 -3.16 5.33 -4.84
C LEU A 105 -3.70 6.72 -4.62
N ILE A 106 -4.89 6.98 -5.16
CA ILE A 106 -5.64 8.21 -4.96
C ILE A 106 -6.93 7.86 -4.28
N ASN A 107 -7.22 8.46 -3.09
CA ASN A 107 -8.47 8.28 -2.39
C ASN A 107 -9.31 9.52 -2.61
N GLU A 108 -10.61 9.32 -2.81
CA GLU A 108 -11.59 10.41 -2.85
C GLU A 108 -12.68 10.13 -1.83
N LYS A 109 -13.00 11.13 -1.02
CA LYS A 109 -14.11 11.04 -0.06
C LYS A 109 -14.58 12.45 0.17
N ASP A 110 -15.88 12.70 0.11
CA ASP A 110 -16.38 14.02 0.45
C ASP A 110 -15.84 15.10 -0.50
N GLY A 111 -15.49 14.82 -1.75
N GLY A 111 -15.51 14.56 -1.67
CA GLY A 111 -15.00 15.98 -2.52
CA GLY A 111 -14.93 15.25 -2.79
C GLY A 111 -13.56 16.32 -2.25
C GLY A 111 -13.50 15.73 -2.64
N LYS A 112 -12.84 15.45 -1.53
CA LYS A 112 -11.49 15.72 -1.19
C LYS A 112 -10.66 14.50 -1.59
N THR A 113 -9.37 14.72 -1.85
CA THR A 113 -8.52 13.62 -2.24
C THR A 113 -7.22 13.64 -1.43
N PHE A 114 -6.57 12.52 -1.41
CA PHE A 114 -5.18 12.40 -0.96
C PHE A 114 -4.54 11.25 -1.71
N GLN A 115 -3.21 11.26 -1.67
CA GLN A 115 -2.41 10.20 -2.26
C GLN A 115 -1.83 9.30 -1.17
N LEU A 116 -1.66 8.03 -1.54
CA LEU A 116 -0.92 7.06 -0.76
C LEU A 116 0.11 6.48 -1.66
N MET A 117 1.31 6.26 -1.13
CA MET A 117 2.28 5.44 -1.86
C MET A 117 2.76 4.36 -0.89
N GLU A 118 3.00 3.16 -1.44
CA GLU A 118 3.34 2.01 -0.64
C GLU A 118 4.47 1.24 -1.29
N LEU A 119 5.44 0.84 -0.47
CA LEU A 119 6.54 -0.02 -0.87
C LEU A 119 6.36 -1.35 -0.16
N TYR A 120 6.21 -2.42 -0.93
CA TYR A 120 6.11 -3.76 -0.41
C TYR A 120 7.36 -4.53 -0.83
N GLY A 121 7.71 -5.51 0.00
CA GLY A 121 8.80 -6.44 -0.23
C GLY A 121 8.38 -7.86 -0.18
N ARG A 122 9.14 -8.72 -0.90
CA ARG A 122 8.90 -10.16 -0.78
C ARG A 122 9.40 -10.70 0.53
N LYS A 123 10.27 -10.02 1.19
CA LYS A 123 10.73 -10.29 2.52
C LYS A 123 10.32 -9.16 3.46
N ALA A 124 10.54 -9.37 4.76
CA ALA A 124 10.04 -8.44 5.76
C ALA A 124 10.80 -7.12 5.77
N ASP A 125 11.93 -7.00 5.06
CA ASP A 125 12.63 -5.73 4.94
C ASP A 125 13.17 -5.63 3.53
N LEU A 126 13.58 -4.40 3.20
CA LEU A 126 14.24 -4.08 1.93
C LEU A 126 15.45 -3.23 2.25
N ASN A 127 16.45 -3.26 1.41
CA ASN A 127 17.69 -2.53 1.66
C ASN A 127 17.49 -1.02 1.51
N SER A 128 18.51 -0.31 2.00
CA SER A 128 18.42 1.13 2.05
C SER A 128 18.40 1.75 0.68
N ASP A 129 19.04 1.16 -0.32
CA ASP A 129 19.02 1.74 -1.67
C ASP A 129 17.58 1.79 -2.20
N ILE A 130 16.87 0.65 -2.08
CA ILE A 130 15.48 0.59 -2.53
C ILE A 130 14.62 1.57 -1.74
N LYS A 131 14.79 1.60 -0.45
CA LYS A 131 13.99 2.54 0.36
C LYS A 131 14.25 3.97 -0.06
N GLU A 132 15.50 4.35 -0.29
CA GLU A 132 15.80 5.72 -0.67
C GLU A 132 15.23 6.03 -2.04
N LYS A 133 15.25 5.09 -2.97
CA LYS A 133 14.62 5.32 -4.26
C LYS A 133 13.13 5.55 -4.11
N PHE A 134 12.46 4.78 -3.23
CA PHE A 134 11.07 5.02 -2.92
C PHE A 134 10.83 6.41 -2.36
N VAL A 135 11.68 6.81 -1.41
CA VAL A 135 11.52 8.14 -0.83
C VAL A 135 11.60 9.22 -1.88
N LYS A 136 12.53 9.10 -2.85
CA LYS A 136 12.65 10.08 -3.89
C LYS A 136 11.40 10.09 -4.77
N LEU A 137 10.86 8.92 -5.07
CA LEU A 137 9.63 8.82 -5.87
C LEU A 137 8.44 9.46 -5.13
N CYS A 138 8.38 9.28 -3.80
CA CYS A 138 7.38 9.99 -3.01
C CYS A 138 7.53 11.48 -3.17
N GLU A 139 8.74 11.99 -3.04
CA GLU A 139 9.00 13.43 -3.20
C GLU A 139 8.55 13.92 -4.55
N GLU A 140 8.72 13.12 -5.59
CA GLU A 140 8.30 13.47 -6.92
C GLU A 140 6.81 13.65 -7.08
N HIS A 141 6.05 13.05 -6.11
CA HIS A 141 4.61 13.17 -6.03
C HIS A 141 4.15 14.14 -4.95
N GLY A 142 5.04 14.96 -4.45
CA GLY A 142 4.67 15.91 -3.42
C GLY A 142 4.48 15.36 -2.05
N ILE A 143 4.96 14.10 -1.83
CA ILE A 143 4.90 13.49 -0.54
C ILE A 143 6.26 13.68 0.15
N ILE A 144 6.25 14.51 1.17
CA ILE A 144 7.49 14.94 1.80
C ILE A 144 8.06 13.87 2.71
N LYS A 145 9.36 13.97 3.01
CA LYS A 145 10.05 12.89 3.73
C LYS A 145 9.47 12.63 5.10
N GLU A 146 8.93 13.68 5.73
CA GLU A 146 8.36 13.53 7.05
C GLU A 146 7.04 12.74 7.06
N ASN A 147 6.50 12.49 5.86
CA ASN A 147 5.21 11.79 5.68
C ASN A 147 5.43 10.38 5.14
N ILE A 148 6.61 9.85 5.32
CA ILE A 148 6.95 8.47 4.94
C ILE A 148 7.30 7.71 6.20
N ILE A 149 6.57 6.66 6.48
CA ILE A 149 6.75 5.87 7.68
C ILE A 149 7.37 4.53 7.33
N ASP A 150 8.47 4.20 8.03
CA ASP A 150 9.10 2.89 7.93
C ASP A 150 8.41 1.93 8.89
N LEU A 151 7.54 1.11 8.31
CA LEU A 151 6.72 0.21 9.07
C LEU A 151 7.51 -0.93 9.70
N THR A 152 8.75 -1.14 9.29
CA THR A 152 9.57 -2.18 9.89
C THR A 152 9.88 -1.85 11.38
N LYS A 153 9.74 -0.63 11.79
CA LYS A 153 9.93 -0.23 13.20
C LYS A 153 8.61 0.07 13.86
N THR A 154 7.56 -0.63 13.44
CA THR A 154 6.22 -0.50 14.00
C THR A 154 5.59 -1.90 14.11
N ASN A 155 4.40 -1.96 14.70
CA ASN A 155 3.66 -3.21 14.74
C ASN A 155 2.97 -3.49 13.41
N ARG A 156 3.51 -4.45 12.67
CA ARG A 156 2.94 -4.89 11.37
C ARG A 156 2.16 -6.18 11.53
N CYS A 157 1.87 -6.62 12.72
CA CYS A 157 1.10 -7.85 12.92
C CYS A 157 1.83 -9.02 12.29
N LEU A 158 3.16 -9.05 12.27
CA LEU A 158 3.82 -10.19 11.61
C LEU A 158 3.44 -11.49 12.29
N LYS A 159 3.23 -11.49 13.60
CA LYS A 159 2.84 -12.69 14.35
C LYS A 159 1.51 -13.26 13.91
N ALA A 160 0.69 -12.50 13.26
CA ALA A 160 -0.64 -12.92 12.82
C ALA A 160 -0.60 -13.57 11.44
N ARG A 161 0.53 -13.46 10.74
CA ARG A 161 0.58 -13.96 9.34
C ARG A 161 0.46 -15.46 9.28
#